data_4QT1
#
_entry.id   4QT1
#
_cell.length_a   46.921
_cell.length_b   75.703
_cell.length_c   89.729
_cell.angle_alpha   90.00
_cell.angle_beta   90.00
_cell.angle_gamma   90.00
#
_symmetry.space_group_name_H-M   'P 21 21 21'
#
loop_
_entity.id
_entity.type
_entity.pdbx_description
1 polymer 'Tyrosine-protein kinase JAK3'
2 non-polymer 1-{(3S)-1-[(2-methylpropyl)sulfonyl]piperidin-3-yl}-3-(5H-pyrrolo[2,3-b]pyrazin-2-yl)urea
3 water water
#
_entity_poly.entity_id   1
_entity_poly.type   'polypeptide(L)'
_entity_poly.pdbx_seq_one_letter_code
;CQDPTIFEERHLKYISQLGKGNFGSVELCRYDPLGDNTGALVAVKQLQHSGPDQQRDFQREIQILKALHSDFIVKYRGVS
YGPGRQSLRLVMEYLPSGCLRDFLQRHRARLDASRLLLYSSQICKGMEYLGSRRCVHRDLAARNILVESEAHVKIADFGL
AKLLPLDKDYYVVREPGQSPIFWYAPESLSDNIFSRQSDVWSFGVVLYELFTYCDKSCSPSAEFLRMMGSERDVPALSRL
LELLEEGQRLPAPPACPAEVHELMKLCWAPSPQDRPSFSALGPQLDMLWSGSRGCETHAFTAHPEGKHHSLSFS
;
_entity_poly.pdbx_strand_id   A
#
# COMPACT_ATOMS: atom_id res chain seq x y z
N PRO A 4 -20.14 1.48 -16.82
CA PRO A 4 -20.12 0.14 -17.45
C PRO A 4 -18.99 -0.80 -16.90
N THR A 5 -18.72 -1.93 -17.57
CA THR A 5 -17.39 -2.61 -17.46
C THR A 5 -16.47 -2.21 -18.62
N ILE A 6 -17.08 -1.85 -19.76
CA ILE A 6 -16.33 -1.34 -20.91
C ILE A 6 -16.59 0.17 -21.10
N PHE A 7 -15.51 0.95 -21.05
CA PHE A 7 -15.58 2.41 -21.23
C PHE A 7 -14.94 2.74 -22.59
N GLU A 8 -15.53 3.65 -23.34
CA GLU A 8 -15.00 3.97 -24.66
C GLU A 8 -14.00 5.07 -24.52
N GLU A 9 -12.86 4.96 -25.20
CA GLU A 9 -11.82 5.96 -24.97
C GLU A 9 -12.30 7.38 -25.28
N ARG A 10 -13.06 7.54 -26.37
CA ARG A 10 -13.42 8.86 -26.84
C ARG A 10 -14.22 9.64 -25.81
N HIS A 11 -14.92 8.92 -24.93
CA HIS A 11 -15.69 9.52 -23.83
C HIS A 11 -14.89 9.82 -22.58
N LEU A 12 -13.67 9.33 -22.47
CA LEU A 12 -12.87 9.55 -21.27
C LEU A 12 -12.08 10.84 -21.44
N LYS A 13 -12.33 11.82 -20.59
CA LYS A 13 -11.78 13.14 -20.78
C LYS A 13 -10.77 13.47 -19.73
N TYR A 14 -9.57 13.83 -20.19
CA TYR A 14 -8.43 14.04 -19.30
C TYR A 14 -8.69 15.26 -18.41
N ILE A 15 -8.29 15.16 -17.15
CA ILE A 15 -8.35 16.31 -16.25
C ILE A 15 -6.99 16.61 -15.64
N SER A 16 -6.35 15.61 -15.03
CA SER A 16 -5.00 15.84 -14.44
C SER A 16 -4.35 14.52 -14.12
N GLN A 17 -3.11 14.60 -13.70
CA GLN A 17 -2.40 13.41 -13.30
C GLN A 17 -2.59 13.20 -11.80
N LEU A 18 -2.86 11.94 -11.40
CA LEU A 18 -2.95 11.56 -9.97
C LEU A 18 -1.63 10.97 -9.46
N GLY A 19 -0.94 10.23 -10.33
CA GLY A 19 0.32 9.63 -9.99
C GLY A 19 1.06 9.06 -11.19
N LYS A 20 2.29 8.64 -10.94
CA LYS A 20 3.13 8.00 -11.97
C LYS A 20 4.21 7.13 -11.31
N GLY A 21 4.57 6.04 -11.97
CA GLY A 21 5.61 5.18 -11.43
C GLY A 21 5.80 3.97 -12.32
N ASN A 22 6.84 3.20 -12.04
CA ASN A 22 7.26 2.18 -12.96
C ASN A 22 7.26 2.79 -14.34
N PHE A 23 6.41 2.28 -15.22
CA PHE A 23 6.24 2.81 -16.55
C PHE A 23 4.75 3.01 -16.79
N GLY A 24 4.07 3.44 -15.73
CA GLY A 24 2.63 3.73 -15.80
C GLY A 24 2.26 5.07 -15.19
N SER A 25 1.04 5.48 -15.46
CA SER A 25 0.49 6.65 -14.82
C SER A 25 -1.01 6.45 -14.60
N VAL A 26 -1.49 7.11 -13.56
CA VAL A 26 -2.91 7.18 -13.23
C VAL A 26 -3.37 8.63 -13.40
N GLU A 27 -4.48 8.78 -14.13
CA GLU A 27 -5.00 10.09 -14.47
C GLU A 27 -6.39 10.31 -13.91
N LEU A 28 -6.72 11.54 -13.56
CA LEU A 28 -8.09 11.89 -13.29
C LEU A 28 -8.77 12.15 -14.61
N CYS A 29 -9.83 11.41 -14.88
CA CYS A 29 -10.61 11.60 -16.07
C CYS A 29 -12.08 11.77 -15.70
N ARG A 30 -12.86 12.38 -16.59
CA ARG A 30 -14.30 12.33 -16.49
C ARG A 30 -14.74 11.40 -17.59
N TYR A 31 -15.59 10.44 -17.25
CA TYR A 31 -16.24 9.62 -18.23
C TYR A 31 -17.49 10.41 -18.60
N ASP A 32 -17.49 10.98 -19.80
CA ASP A 32 -18.49 11.95 -20.15
C ASP A 32 -19.08 11.69 -21.54
N PRO A 33 -19.91 10.64 -21.64
CA PRO A 33 -20.51 10.30 -22.91
C PRO A 33 -21.47 11.39 -23.47
N LEU A 34 -22.06 12.20 -22.60
CA LEU A 34 -22.87 13.32 -23.09
C LEU A 34 -21.98 14.49 -23.54
N GLY A 35 -20.72 14.50 -23.13
CA GLY A 35 -19.81 15.57 -23.52
C GLY A 35 -20.15 16.93 -22.93
N ASP A 36 -20.88 16.95 -21.82
CA ASP A 36 -21.38 18.20 -21.24
C ASP A 36 -20.86 18.50 -19.83
N ASN A 37 -19.75 17.81 -19.47
CA ASN A 37 -19.10 17.93 -18.16
C ASN A 37 -19.92 17.42 -16.98
N THR A 38 -21.03 16.74 -17.22
CA THR A 38 -21.83 16.22 -16.10
C THR A 38 -21.46 14.79 -15.74
N GLY A 39 -20.56 14.18 -16.50
CA GLY A 39 -20.14 12.80 -16.25
C GLY A 39 -19.42 12.60 -14.92
N ALA A 40 -19.39 11.35 -14.48
CA ALA A 40 -18.72 11.01 -13.25
C ALA A 40 -17.19 10.96 -13.47
N LEU A 41 -16.47 11.20 -12.38
CA LEU A 41 -15.03 11.13 -12.37
C LEU A 41 -14.52 9.71 -12.12
N VAL A 42 -13.39 9.40 -12.74
CA VAL A 42 -12.74 8.10 -12.63
C VAL A 42 -11.22 8.32 -12.61
N ALA A 43 -10.49 7.34 -12.07
CA ALA A 43 -9.05 7.32 -12.15
C ALA A 43 -8.65 6.23 -13.13
N VAL A 44 -7.76 6.58 -14.06
CA VAL A 44 -7.42 5.70 -15.16
C VAL A 44 -5.94 5.46 -15.22
N LYS A 45 -5.58 4.17 -15.15
CA LYS A 45 -4.20 3.74 -15.31
C LYS A 45 -3.87 3.29 -16.72
N GLN A 46 -2.75 3.80 -17.23
CA GLN A 46 -2.19 3.34 -18.49
C GLN A 46 -0.69 3.14 -18.35
N LEU A 47 -0.17 2.43 -19.33
CA LEU A 47 1.24 2.16 -19.47
C LEU A 47 1.79 3.15 -20.48
N GLN A 48 3.07 3.48 -20.34
CA GLN A 48 3.77 4.37 -21.29
C GLN A 48 4.96 3.62 -21.92
N HIS A 49 4.83 2.29 -22.00
CA HIS A 49 5.88 1.38 -22.46
C HIS A 49 5.21 0.23 -23.23
N SER A 50 5.44 0.15 -24.53
CA SER A 50 4.75 -0.85 -25.38
C SER A 50 5.54 -2.16 -25.49
N GLY A 51 6.25 -2.51 -24.43
CA GLY A 51 7.12 -3.67 -24.40
C GLY A 51 6.35 -4.87 -23.90
N PRO A 52 6.88 -6.07 -24.11
CA PRO A 52 6.07 -7.28 -23.94
C PRO A 52 5.77 -7.63 -22.48
N ASP A 53 6.80 -7.62 -21.62
CA ASP A 53 6.67 -8.02 -20.21
C ASP A 53 5.96 -6.98 -19.31
N GLN A 54 5.95 -5.71 -19.73
CA GLN A 54 5.33 -4.64 -18.95
C GLN A 54 3.81 -4.65 -19.24
N GLN A 55 3.44 -5.00 -20.47
CA GLN A 55 2.05 -5.19 -20.87
C GLN A 55 1.43 -6.42 -20.19
N ARG A 56 2.22 -7.49 -20.08
CA ARG A 56 1.80 -8.74 -19.41
C ARG A 56 1.61 -8.47 -17.90
N ASP A 57 2.49 -7.65 -17.35
CA ASP A 57 2.37 -7.17 -15.99
C ASP A 57 1.10 -6.35 -15.79
N PHE A 58 0.91 -5.38 -16.68
CA PHE A 58 -0.27 -4.53 -16.59
C PHE A 58 -1.55 -5.36 -16.72
N GLN A 59 -1.61 -6.28 -17.68
CA GLN A 59 -2.74 -7.21 -17.83
C GLN A 59 -3.02 -8.01 -16.54
N ARG A 60 -1.97 -8.49 -15.88
CA ARG A 60 -2.13 -9.26 -14.63
C ARG A 60 -2.70 -8.38 -13.50
N GLU A 61 -2.12 -7.20 -13.37
CA GLU A 61 -2.66 -6.18 -12.49
C GLU A 61 -4.17 -5.99 -12.64
N ILE A 62 -4.64 -5.86 -13.88
CA ILE A 62 -6.08 -5.69 -14.18
C ILE A 62 -6.91 -6.91 -13.71
N GLN A 63 -6.46 -8.10 -14.07
CA GLN A 63 -7.12 -9.33 -13.63
C GLN A 63 -7.13 -9.41 -12.09
N ILE A 64 -6.01 -9.13 -11.44
CA ILE A 64 -5.97 -9.13 -9.98
C ILE A 64 -6.98 -8.17 -9.35
N LEU A 65 -6.97 -6.90 -9.77
CA LEU A 65 -7.92 -5.91 -9.20
C LEU A 65 -9.35 -6.20 -9.57
N LYS A 66 -9.59 -6.72 -10.76
CA LYS A 66 -10.93 -7.14 -11.13
C LYS A 66 -11.49 -8.14 -10.12
N ALA A 67 -10.67 -9.12 -9.75
CA ALA A 67 -11.10 -10.23 -8.89
C ALA A 67 -10.99 -9.93 -7.40
N LEU A 68 -10.73 -8.69 -7.02
CA LEU A 68 -10.72 -8.33 -5.61
C LEU A 68 -11.96 -7.53 -5.26
N HIS A 69 -12.66 -7.93 -4.18
CA HIS A 69 -13.90 -7.23 -3.71
C HIS A 69 -13.84 -6.91 -2.21
N SER A 70 -13.30 -5.74 -1.87
CA SER A 70 -13.22 -5.32 -0.48
C SER A 70 -13.55 -3.87 -0.34
N ASP A 71 -14.27 -3.56 0.73
CA ASP A 71 -14.45 -2.18 1.17
C ASP A 71 -13.13 -1.48 1.47
N PHE A 72 -12.09 -2.26 1.74
CA PHE A 72 -10.76 -1.72 2.05
C PHE A 72 -9.74 -1.87 0.91
N ILE A 73 -10.25 -2.10 -0.29
CA ILE A 73 -9.43 -2.14 -1.52
C ILE A 73 -10.09 -1.29 -2.61
N VAL A 74 -9.26 -0.50 -3.30
CA VAL A 74 -9.72 0.47 -4.27
C VAL A 74 -10.50 -0.26 -5.37
N LYS A 75 -11.60 0.33 -5.80
CA LYS A 75 -12.57 -0.34 -6.63
C LYS A 75 -12.20 -0.35 -8.12
N TYR A 76 -12.24 -1.54 -8.71
CA TYR A 76 -12.22 -1.73 -10.13
C TYR A 76 -13.56 -1.32 -10.74
N ARG A 77 -13.55 -0.56 -11.82
CA ARG A 77 -14.80 -0.17 -12.50
C ARG A 77 -14.94 -0.85 -13.86
N GLY A 78 -13.82 -0.95 -14.59
CA GLY A 78 -13.81 -1.54 -15.93
C GLY A 78 -12.46 -1.32 -16.60
N VAL A 79 -12.43 -1.45 -17.92
CA VAL A 79 -11.25 -1.16 -18.75
C VAL A 79 -11.70 -0.44 -20.01
N SER A 80 -10.76 0.15 -20.73
CA SER A 80 -11.04 0.61 -22.10
C SER A 80 -9.92 0.15 -23.00
N TYR A 81 -10.29 -0.24 -24.22
CA TYR A 81 -9.34 -0.70 -25.24
C TYR A 81 -9.05 0.43 -26.21
N LEU A 88 -5.78 -1.92 -22.59
CA LEU A 88 -5.02 -0.66 -22.78
C LEU A 88 -5.11 0.26 -21.52
N ARG A 89 -6.30 0.51 -21.00
CA ARG A 89 -6.46 1.38 -19.82
C ARG A 89 -7.36 0.72 -18.75
N LEU A 90 -7.08 1.00 -17.49
CA LEU A 90 -7.77 0.38 -16.37
C LEU A 90 -8.52 1.46 -15.61
N VAL A 91 -9.81 1.27 -15.39
CA VAL A 91 -10.68 2.30 -14.89
C VAL A 91 -11.09 1.91 -13.49
N MET A 92 -11.00 2.88 -12.58
CA MET A 92 -11.19 2.63 -11.17
C MET A 92 -11.99 3.79 -10.62
N GLU A 93 -12.58 3.60 -9.46
CA GLU A 93 -13.23 4.70 -8.76
C GLU A 93 -12.17 5.72 -8.36
N TYR A 94 -12.62 6.95 -8.15
CA TYR A 94 -11.75 8.05 -7.87
C TYR A 94 -12.00 8.50 -6.44
N LEU A 95 -10.92 8.69 -5.69
CA LEU A 95 -11.03 9.13 -4.31
C LEU A 95 -10.40 10.51 -4.15
N PRO A 96 -11.24 11.54 -4.08
CA PRO A 96 -10.67 12.92 -4.15
C PRO A 96 -9.74 13.26 -2.99
N SER A 97 -9.92 12.59 -1.84
CA SER A 97 -9.10 12.92 -0.68
C SER A 97 -7.62 12.57 -0.88
N GLY A 98 -7.31 11.67 -1.80
CA GLY A 98 -5.90 11.37 -2.11
C GLY A 98 -5.28 10.43 -1.10
N CYS A 99 -3.95 10.47 -0.98
CA CYS A 99 -3.29 9.45 -0.18
C CYS A 99 -3.24 9.78 1.31
N LEU A 100 -3.31 8.72 2.10
CA LEU A 100 -3.26 8.81 3.54
C LEU A 100 -2.03 9.58 4.10
N ARG A 101 -0.89 9.45 3.45
CA ARG A 101 0.35 10.08 3.90
C ARG A 101 0.18 11.59 3.99
N ASP A 102 -0.31 12.19 2.92
CA ASP A 102 -0.59 13.63 2.87
C ASP A 102 -1.77 14.03 3.79
N PHE A 103 -2.79 13.18 3.86
CA PHE A 103 -3.95 13.42 4.72
C PHE A 103 -3.54 13.51 6.19
N LEU A 104 -2.70 12.58 6.62
CA LEU A 104 -2.18 12.56 7.98
C LEU A 104 -1.38 13.80 8.28
N GLN A 105 -0.47 14.17 7.38
CA GLN A 105 0.32 15.40 7.55
C GLN A 105 -0.59 16.63 7.64
N ARG A 106 -1.64 16.67 6.81
CA ARG A 106 -2.55 17.82 6.73
C ARG A 106 -3.55 17.92 7.88
N HIS A 107 -4.04 16.78 8.40
CA HIS A 107 -5.09 16.79 9.43
C HIS A 107 -4.65 16.29 10.78
N ARG A 108 -3.35 16.12 10.95
CA ARG A 108 -2.70 15.77 12.21
C ARG A 108 -3.53 16.13 13.46
N ALA A 109 -3.85 17.42 13.64
CA ALA A 109 -4.51 17.92 14.88
C ALA A 109 -5.95 17.48 15.15
N ARG A 110 -6.60 16.87 14.15
CA ARG A 110 -7.98 16.39 14.27
C ARG A 110 -7.98 14.93 14.71
N LEU A 111 -6.99 14.15 14.25
CA LEU A 111 -7.06 12.69 14.31
C LEU A 111 -6.37 12.16 15.56
N ASP A 112 -7.15 11.53 16.42
CA ASP A 112 -6.62 10.98 17.66
C ASP A 112 -6.21 9.54 17.43
N ALA A 113 -5.71 8.91 18.49
CA ALA A 113 -5.22 7.54 18.43
C ALA A 113 -6.32 6.55 18.04
N SER A 114 -7.57 6.87 18.36
CA SER A 114 -8.67 5.96 18.02
C SER A 114 -8.71 5.86 16.51
N ARG A 115 -8.69 7.01 15.87
CA ARG A 115 -8.82 7.07 14.43
C ARG A 115 -7.66 6.36 13.78
N LEU A 116 -6.45 6.66 14.25
CA LEU A 116 -5.25 6.00 13.77
C LEU A 116 -5.39 4.47 13.86
N LEU A 117 -6.05 4.01 14.92
CA LEU A 117 -6.32 2.58 15.12
C LEU A 117 -7.40 2.05 14.18
N LEU A 118 -8.42 2.85 13.91
CA LEU A 118 -9.43 2.51 12.96
C LEU A 118 -8.82 2.30 11.57
N TYR A 119 -7.94 3.21 11.16
CA TYR A 119 -7.27 3.08 9.88
C TYR A 119 -6.38 1.83 9.87
N SER A 120 -5.60 1.64 10.93
CA SER A 120 -4.77 0.43 11.07
C SER A 120 -5.57 -0.85 10.83
N SER A 121 -6.74 -0.89 11.44
CA SER A 121 -7.61 -2.06 11.41
C SER A 121 -8.14 -2.31 10.02
N GLN A 122 -8.64 -1.25 9.40
CA GLN A 122 -9.14 -1.29 8.03
C GLN A 122 -8.12 -1.77 7.00
N ILE A 123 -6.88 -1.30 7.15
CA ILE A 123 -5.78 -1.75 6.30
C ILE A 123 -5.42 -3.22 6.55
N CYS A 124 -5.41 -3.64 7.81
CA CYS A 124 -5.11 -5.02 8.17
C CYS A 124 -6.17 -5.93 7.50
N LYS A 125 -7.41 -5.56 7.67
CA LYS A 125 -8.53 -6.27 7.09
C LYS A 125 -8.40 -6.42 5.55
N GLY A 126 -8.07 -5.32 4.89
CA GLY A 126 -7.82 -5.35 3.46
C GLY A 126 -6.73 -6.33 3.11
N MET A 127 -5.68 -6.37 3.94
CA MET A 127 -4.51 -7.23 3.72
C MET A 127 -4.78 -8.69 4.06
N GLU A 128 -5.51 -8.93 5.13
CA GLU A 128 -6.01 -10.28 5.41
C GLU A 128 -6.75 -10.89 4.20
N TYR A 129 -7.65 -10.10 3.61
CA TYR A 129 -8.38 -10.48 2.39
C TYR A 129 -7.47 -10.74 1.17
N LEU A 130 -6.57 -9.80 0.96
CA LEU A 130 -5.64 -9.90 -0.12
C LEU A 130 -4.86 -11.18 0.03
N GLY A 131 -4.33 -11.43 1.21
CA GLY A 131 -3.61 -12.64 1.49
C GLY A 131 -4.41 -13.91 1.29
N SER A 132 -5.71 -13.88 1.61
CA SER A 132 -6.63 -14.99 1.34
C SER A 132 -6.80 -15.25 -0.17
N ARG A 133 -6.58 -14.23 -1.00
CA ARG A 133 -6.54 -14.40 -2.46
C ARG A 133 -5.15 -14.80 -2.97
N ARG A 134 -4.23 -15.11 -2.05
CA ARG A 134 -2.83 -15.48 -2.38
C ARG A 134 -2.07 -14.36 -3.05
N CYS A 135 -2.42 -13.10 -2.73
CA CYS A 135 -1.84 -11.92 -3.37
C CYS A 135 -0.90 -11.20 -2.42
N VAL A 136 0.36 -11.07 -2.84
CA VAL A 136 1.34 -10.20 -2.19
C VAL A 136 1.26 -8.81 -2.82
N HIS A 137 1.10 -7.78 -2.02
CA HIS A 137 1.04 -6.40 -2.53
C HIS A 137 2.44 -5.83 -2.91
N ARG A 138 3.44 -6.08 -2.08
CA ARG A 138 4.88 -5.76 -2.36
C ARG A 138 5.28 -4.29 -2.26
N ASP A 139 4.35 -3.42 -1.94
CA ASP A 139 4.62 -2.00 -1.88
C ASP A 139 3.65 -1.29 -0.96
N LEU A 140 3.36 -1.91 0.17
CA LEU A 140 2.48 -1.32 1.16
C LEU A 140 3.20 -0.19 1.88
N ALA A 141 2.59 0.98 1.90
CA ALA A 141 3.17 2.19 2.45
C ALA A 141 2.06 3.21 2.47
N ALA A 142 2.08 4.17 3.38
CA ALA A 142 0.98 5.12 3.48
C ALA A 142 0.75 5.98 2.22
N ARG A 143 1.79 6.24 1.41
CA ARG A 143 1.68 6.89 0.09
C ARG A 143 0.84 6.11 -0.92
N ASN A 144 0.65 4.81 -0.67
CA ASN A 144 -0.17 3.91 -1.53
C ASN A 144 -1.54 3.52 -0.97
N ILE A 145 -1.93 4.18 0.12
CA ILE A 145 -3.24 3.95 0.76
C ILE A 145 -4.09 5.19 0.52
N LEU A 146 -5.36 4.98 0.21
CA LEU A 146 -6.22 6.09 -0.17
C LEU A 146 -7.24 6.39 0.91
N VAL A 147 -7.64 7.66 0.98
CA VAL A 147 -8.71 8.07 1.89
C VAL A 147 -10.08 8.15 1.16
N GLU A 148 -10.99 7.24 1.53
CA GLU A 148 -12.35 7.23 1.00
C GLU A 148 -13.11 8.33 1.71
N SER A 149 -12.94 8.39 3.02
CA SER A 149 -13.58 9.41 3.84
C SER A 149 -12.83 9.54 5.17
N GLU A 150 -13.28 10.47 6.02
CA GLU A 150 -12.65 10.75 7.33
C GLU A 150 -12.43 9.45 8.13
N ALA A 151 -13.33 8.47 7.98
CA ALA A 151 -13.30 7.23 8.77
C ALA A 151 -13.23 5.97 7.93
N HIS A 152 -12.55 6.04 6.79
CA HIS A 152 -12.53 4.94 5.82
C HIS A 152 -11.33 5.08 4.89
N VAL A 153 -10.45 4.08 4.91
CA VAL A 153 -9.33 4.05 3.96
C VAL A 153 -9.33 2.77 3.11
N LYS A 154 -8.64 2.82 1.97
CA LYS A 154 -8.51 1.67 1.06
C LYS A 154 -7.10 1.54 0.50
N ILE A 155 -6.67 0.31 0.25
CA ILE A 155 -5.35 0.00 -0.32
C ILE A 155 -5.39 0.19 -1.84
N ALA A 156 -4.30 0.72 -2.39
CA ALA A 156 -4.18 1.07 -3.81
C ALA A 156 -2.80 0.67 -4.39
N ASP A 157 -2.64 0.91 -5.69
CA ASP A 157 -1.42 0.58 -6.42
C ASP A 157 -0.98 -0.89 -6.24
N PHE A 158 -1.64 -1.75 -7.02
CA PHE A 158 -1.26 -3.13 -7.13
C PHE A 158 -0.29 -3.29 -8.30
N GLY A 159 0.42 -2.22 -8.67
CA GLY A 159 1.38 -2.25 -9.78
C GLY A 159 2.49 -3.28 -9.66
N LEU A 160 2.85 -3.64 -8.44
CA LEU A 160 3.93 -4.61 -8.20
C LEU A 160 3.39 -5.91 -7.56
N ALA A 161 2.07 -6.03 -7.46
CA ALA A 161 1.47 -7.14 -6.74
C ALA A 161 1.66 -8.42 -7.51
N LYS A 162 1.86 -9.52 -6.78
CA LYS A 162 2.06 -10.86 -7.34
C LYS A 162 1.10 -11.87 -6.74
N LEU A 163 0.72 -12.83 -7.57
CA LEU A 163 -0.06 -13.97 -7.12
C LEU A 163 0.89 -15.13 -6.79
N LEU A 164 0.75 -15.69 -5.60
CA LEU A 164 1.54 -16.85 -5.17
C LEU A 164 1.01 -18.13 -5.81
N PRO A 165 1.89 -18.90 -6.47
CA PRO A 165 1.31 -20.15 -7.00
C PRO A 165 0.80 -21.02 -5.85
N LEU A 166 -0.11 -21.94 -6.16
CA LEU A 166 -0.71 -22.81 -5.15
C LEU A 166 0.31 -23.60 -4.30
N ASP A 167 1.49 -23.87 -4.83
CA ASP A 167 2.45 -24.72 -4.14
C ASP A 167 3.62 -24.01 -3.39
N LYS A 168 3.61 -22.69 -3.30
CA LYS A 168 4.77 -21.90 -2.82
C LYS A 168 4.22 -20.67 -2.14
N ASP A 169 4.70 -20.33 -0.94
CA ASP A 169 4.15 -19.19 -0.20
C ASP A 169 5.01 -17.94 -0.27
N TYR A 170 5.99 -17.94 -1.16
CA TYR A 170 6.88 -16.81 -1.35
C TYR A 170 7.13 -16.70 -2.82
N TYR A 171 7.80 -15.62 -3.22
CA TYR A 171 8.02 -15.27 -4.61
C TYR A 171 9.37 -14.55 -4.71
N VAL A 172 10.26 -15.04 -5.56
CA VAL A 172 11.55 -14.37 -5.73
C VAL A 172 11.51 -13.49 -6.97
N VAL A 173 12.12 -12.31 -6.87
CA VAL A 173 12.12 -11.34 -7.97
C VAL A 173 13.54 -11.21 -8.51
N ARG A 174 13.67 -11.15 -9.84
CA ARG A 174 14.98 -11.07 -10.52
C ARG A 174 15.68 -9.72 -10.32
N GLU A 175 14.97 -8.67 -10.69
CA GLU A 175 15.52 -7.32 -10.70
C GLU A 175 15.40 -6.69 -9.30
N PRO A 176 16.20 -5.64 -9.04
CA PRO A 176 16.10 -5.02 -7.71
C PRO A 176 14.87 -4.11 -7.58
N GLY A 177 14.49 -3.82 -6.35
CA GLY A 177 13.36 -2.94 -6.09
C GLY A 177 13.63 -1.49 -6.46
N GLN A 178 12.57 -0.74 -6.71
CA GLN A 178 12.68 0.68 -7.05
C GLN A 178 11.88 1.54 -6.09
N SER A 179 11.51 0.95 -4.96
CA SER A 179 10.68 1.62 -3.96
C SER A 179 11.61 2.01 -2.81
N PRO A 180 11.22 3.03 -2.04
CA PRO A 180 12.07 3.41 -0.90
C PRO A 180 12.40 2.22 0.03
N ILE A 181 13.70 2.09 0.33
CA ILE A 181 14.25 0.84 0.93
C ILE A 181 13.80 0.59 2.37
N PHE A 182 13.23 1.61 2.97
CA PHE A 182 12.96 1.59 4.40
C PHE A 182 11.69 0.84 4.75
N TRP A 183 10.96 0.35 3.75
CA TRP A 183 9.73 -0.43 3.96
C TRP A 183 9.91 -1.93 3.69
N TYR A 184 11.11 -2.31 3.22
CA TYR A 184 11.40 -3.68 2.82
C TYR A 184 11.78 -4.58 3.98
N ALA A 185 11.29 -5.82 3.95
CA ALA A 185 11.70 -6.82 4.93
C ALA A 185 13.14 -7.19 4.62
N PRO A 186 13.90 -7.64 5.63
CA PRO A 186 15.28 -8.05 5.39
C PRO A 186 15.46 -9.09 4.28
N GLU A 187 14.59 -10.10 4.23
CA GLU A 187 14.71 -11.15 3.22
C GLU A 187 14.44 -10.64 1.80
N SER A 188 13.71 -9.53 1.71
CA SER A 188 13.54 -8.84 0.45
C SER A 188 14.82 -8.09 0.09
N LEU A 189 15.36 -7.34 1.05
CA LEU A 189 16.64 -6.66 0.85
C LEU A 189 17.79 -7.61 0.37
N SER A 190 18.03 -8.67 1.14
CA SER A 190 19.12 -9.64 0.87
C SER A 190 18.87 -10.59 -0.30
N ASP A 191 17.62 -10.99 -0.53
CA ASP A 191 17.33 -12.10 -1.50
C ASP A 191 16.19 -11.83 -2.48
N ASN A 192 15.49 -10.70 -2.35
CA ASN A 192 14.34 -10.34 -3.22
C ASN A 192 13.17 -11.30 -3.05
N ILE A 193 13.06 -11.83 -1.83
CA ILE A 193 11.99 -12.72 -1.45
C ILE A 193 10.83 -11.89 -0.93
N PHE A 194 9.67 -12.10 -1.51
CA PHE A 194 8.44 -11.43 -1.10
C PHE A 194 7.37 -12.45 -0.81
N SER A 195 6.64 -12.20 0.27
CA SER A 195 5.66 -13.11 0.79
C SER A 195 4.59 -12.26 1.47
N ARG A 196 3.55 -12.91 1.96
CA ARG A 196 2.53 -12.21 2.73
C ARG A 196 3.15 -11.72 4.02
N GLN A 197 4.22 -12.41 4.44
CA GLN A 197 4.90 -12.05 5.68
C GLN A 197 5.85 -10.86 5.46
N SER A 198 6.38 -10.66 4.26
CA SER A 198 7.09 -9.41 3.99
C SER A 198 6.08 -8.23 3.91
N ASP A 199 4.87 -8.49 3.41
CA ASP A 199 3.78 -7.53 3.51
C ASP A 199 3.51 -7.14 4.97
N VAL A 200 3.64 -8.10 5.88
CA VAL A 200 3.40 -7.84 7.32
C VAL A 200 4.48 -6.94 7.86
N TRP A 201 5.72 -7.18 7.46
CA TRP A 201 6.85 -6.31 7.81
C TRP A 201 6.52 -4.85 7.47
N SER A 202 6.16 -4.64 6.19
CA SER A 202 5.85 -3.32 5.62
C SER A 202 4.68 -2.68 6.34
N PHE A 203 3.68 -3.50 6.62
CA PHE A 203 2.56 -3.08 7.45
C PHE A 203 3.01 -2.48 8.78
N GLY A 204 4.05 -3.06 9.38
CA GLY A 204 4.62 -2.51 10.61
C GLY A 204 5.17 -1.12 10.39
N VAL A 205 5.79 -0.90 9.25
CA VAL A 205 6.22 0.45 8.90
C VAL A 205 5.04 1.40 8.62
N VAL A 206 3.92 0.88 8.10
CA VAL A 206 2.71 1.69 7.97
C VAL A 206 2.15 2.12 9.35
N LEU A 207 2.16 1.21 10.32
CA LEU A 207 1.81 1.56 11.69
C LEU A 207 2.66 2.68 12.24
N TYR A 208 3.97 2.57 12.05
CA TYR A 208 4.89 3.66 12.35
C TYR A 208 4.46 4.96 11.66
N GLU A 209 4.31 4.90 10.34
CA GLU A 209 3.83 6.04 9.54
C GLU A 209 2.58 6.66 10.12
N LEU A 210 1.60 5.81 10.42
CA LEU A 210 0.33 6.24 11.02
C LEU A 210 0.58 7.00 12.33
N PHE A 211 1.30 6.38 13.26
CA PHE A 211 1.51 7.01 14.59
C PHE A 211 2.58 8.12 14.65
N THR A 212 3.28 8.37 13.55
CA THR A 212 4.09 9.59 13.36
C THR A 212 3.32 10.60 12.50
N TYR A 213 2.09 10.25 12.13
CA TYR A 213 1.35 10.99 11.14
C TYR A 213 2.20 11.32 9.92
N CYS A 214 3.06 10.39 9.48
CA CYS A 214 3.85 10.59 8.27
C CYS A 214 4.67 11.91 8.30
N ASP A 215 5.04 12.36 9.50
CA ASP A 215 5.91 13.51 9.65
C ASP A 215 7.26 13.21 9.00
N LYS A 216 7.82 14.16 8.29
CA LYS A 216 9.05 13.89 7.57
C LYS A 216 10.27 13.83 8.49
N SER A 217 10.29 14.65 9.52
CA SER A 217 11.41 14.73 10.48
C SER A 217 11.67 13.44 11.28
N CYS A 218 10.66 12.62 11.49
CA CYS A 218 10.85 11.29 12.14
C CYS A 218 10.41 10.13 11.24
N SER A 219 10.43 10.41 9.93
CA SER A 219 10.18 9.45 8.87
C SER A 219 11.14 8.26 8.99
N PRO A 220 10.76 7.11 8.40
CA PRO A 220 11.66 5.95 8.33
C PRO A 220 13.02 6.29 7.74
N SER A 221 13.00 7.08 6.66
CA SER A 221 14.24 7.55 6.02
C SER A 221 15.08 8.42 6.94
N ALA A 222 14.43 9.39 7.56
CA ALA A 222 15.13 10.38 8.40
C ALA A 222 15.73 9.67 9.59
N GLU A 223 14.98 8.70 10.12
CA GLU A 223 15.47 7.84 11.20
C GLU A 223 16.60 6.88 10.81
N PHE A 224 16.57 6.25 9.63
CA PHE A 224 17.73 5.40 9.21
C PHE A 224 18.99 6.20 9.10
N LEU A 225 18.93 7.25 8.28
CA LEU A 225 20.09 8.12 8.08
C LEU A 225 20.70 8.53 9.42
N ARG A 226 19.84 8.75 10.43
CA ARG A 226 20.29 9.09 11.79
C ARG A 226 20.97 7.91 12.45
N MET A 227 20.38 6.73 12.32
CA MET A 227 20.99 5.53 12.89
C MET A 227 22.28 5.13 12.15
N MET A 228 22.83 6.05 11.35
CA MET A 228 23.98 5.83 10.45
C MET A 228 23.74 4.69 9.44
N PRO A 235 27.42 1.53 1.11
CA PRO A 235 26.12 1.47 0.41
C PRO A 235 24.94 1.39 1.37
N ALA A 236 24.02 2.34 1.22
CA ALA A 236 22.86 2.47 2.08
C ALA A 236 22.05 1.17 2.32
N LEU A 237 21.83 0.40 1.27
CA LEU A 237 21.07 -0.84 1.34
C LEU A 237 21.78 -1.86 2.23
N SER A 238 23.08 -2.05 2.02
CA SER A 238 23.84 -2.94 2.89
C SER A 238 23.75 -2.49 4.34
N ARG A 239 23.95 -1.18 4.57
CA ARG A 239 24.01 -0.65 5.95
C ARG A 239 22.70 -0.91 6.71
N LEU A 240 21.59 -0.73 6.00
CA LEU A 240 20.25 -0.93 6.55
C LEU A 240 20.03 -2.39 6.94
N LEU A 241 20.50 -3.28 6.09
CA LEU A 241 20.43 -4.72 6.33
C LEU A 241 21.20 -5.09 7.59
N GLU A 242 22.40 -4.57 7.74
CA GLU A 242 23.20 -4.79 8.96
C GLU A 242 22.48 -4.27 10.19
N LEU A 243 22.00 -3.03 10.13
CA LEU A 243 21.26 -2.45 11.26
C LEU A 243 20.15 -3.40 11.69
N LEU A 244 19.35 -3.81 10.70
CA LEU A 244 18.23 -4.71 10.92
C LEU A 244 18.66 -6.08 11.49
N GLU A 245 19.73 -6.65 10.95
CA GLU A 245 20.23 -7.94 11.43
C GLU A 245 20.77 -7.91 12.84
N GLU A 246 21.37 -6.78 13.22
CA GLU A 246 21.76 -6.51 14.61
C GLU A 246 20.57 -6.24 15.53
N GLY A 247 19.36 -6.20 14.98
CA GLY A 247 18.18 -5.95 15.79
C GLY A 247 17.84 -4.49 16.02
N GLN A 248 18.50 -3.57 15.35
CA GLN A 248 18.07 -2.17 15.42
C GLN A 248 16.67 -2.05 14.80
N ARG A 249 15.80 -1.23 15.39
CA ARG A 249 14.49 -1.00 14.85
C ARG A 249 14.10 0.44 15.06
N LEU A 250 13.16 0.94 14.26
CA LEU A 250 12.63 2.29 14.44
C LEU A 250 12.11 2.39 15.86
N PRO A 251 12.32 3.55 16.49
CA PRO A 251 11.92 3.77 17.86
C PRO A 251 10.45 4.16 17.88
N ALA A 252 9.81 3.99 19.04
CA ALA A 252 8.39 4.26 19.20
C ALA A 252 8.08 5.67 18.77
N PRO A 253 7.09 5.88 17.88
CA PRO A 253 6.74 7.26 17.58
C PRO A 253 6.41 8.09 18.84
N PRO A 254 6.69 9.41 18.80
CA PRO A 254 6.35 10.25 19.94
C PRO A 254 4.91 10.05 20.36
N ALA A 255 4.74 9.85 21.67
CA ALA A 255 3.45 9.57 22.33
C ALA A 255 2.71 8.36 21.75
N CYS A 256 3.43 7.44 21.13
CA CYS A 256 2.84 6.21 20.68
C CYS A 256 2.37 5.44 21.91
N PRO A 257 1.14 4.91 21.88
CA PRO A 257 0.77 3.94 22.92
C PRO A 257 1.73 2.76 22.84
N ALA A 258 2.23 2.30 23.98
CA ALA A 258 3.20 1.19 24.03
C ALA A 258 2.72 -0.10 23.37
N GLU A 259 1.44 -0.42 23.52
CA GLU A 259 0.89 -1.67 22.93
C GLU A 259 0.94 -1.63 21.41
N VAL A 260 0.78 -0.44 20.84
CA VAL A 260 0.94 -0.25 19.41
C VAL A 260 2.38 -0.44 19.00
N HIS A 261 3.30 0.20 19.73
CA HIS A 261 4.72 -0.03 19.49
C HIS A 261 5.06 -1.50 19.54
N GLU A 262 4.51 -2.23 20.51
CA GLU A 262 4.77 -3.70 20.61
C GLU A 262 4.34 -4.45 19.36
N LEU A 263 3.20 -4.08 18.79
CA LEU A 263 2.72 -4.70 17.55
C LEU A 263 3.65 -4.43 16.41
N MET A 264 4.16 -3.22 16.35
CA MET A 264 5.15 -2.91 15.32
C MET A 264 6.34 -3.82 15.44
N LYS A 265 6.82 -4.00 16.65
CA LYS A 265 8.01 -4.84 16.90
C LYS A 265 7.77 -6.30 16.51
N LEU A 266 6.57 -6.82 16.74
CA LEU A 266 6.22 -8.18 16.27
C LEU A 266 6.21 -8.28 14.73
N CYS A 267 5.60 -7.29 14.07
CA CYS A 267 5.66 -7.19 12.60
C CYS A 267 7.09 -7.18 12.10
N TRP A 268 7.99 -6.63 12.93
CA TRP A 268 9.42 -6.57 12.60
C TRP A 268 10.31 -7.72 13.11
N ALA A 269 9.70 -8.87 13.45
CA ALA A 269 10.46 -10.03 13.89
C ALA A 269 11.40 -10.44 12.79
N PRO A 270 12.65 -10.83 13.13
CA PRO A 270 13.65 -11.20 12.10
C PRO A 270 13.15 -12.18 11.05
N SER A 271 12.61 -13.30 11.51
CA SER A 271 12.26 -14.36 10.59
C SER A 271 10.78 -14.21 10.20
N PRO A 272 10.45 -14.36 8.92
CA PRO A 272 9.05 -14.22 8.49
C PRO A 272 8.04 -15.09 9.27
N GLN A 273 8.40 -16.36 9.54
CA GLN A 273 7.50 -17.31 10.24
C GLN A 273 7.12 -16.86 11.66
N ASP A 274 7.91 -15.96 12.27
CA ASP A 274 7.63 -15.42 13.63
C ASP A 274 6.84 -14.11 13.64
N ARG A 275 6.48 -13.61 12.46
CA ARG A 275 5.65 -12.44 12.39
C ARG A 275 4.23 -12.90 12.52
N PRO A 276 3.40 -12.08 13.14
CA PRO A 276 2.00 -12.44 13.19
C PRO A 276 1.34 -12.37 11.80
N SER A 277 0.27 -13.16 11.63
CA SER A 277 -0.57 -13.06 10.47
C SER A 277 -1.45 -11.80 10.61
N PHE A 278 -1.95 -11.33 9.48
CA PHE A 278 -2.97 -10.28 9.46
C PHE A 278 -4.22 -10.71 10.19
N SER A 279 -4.59 -11.99 10.09
CA SER A 279 -5.79 -12.43 10.82
C SER A 279 -5.56 -12.46 12.34
N ALA A 280 -4.32 -12.69 12.78
CA ALA A 280 -4.00 -12.48 14.20
C ALA A 280 -3.97 -10.98 14.60
N LEU A 281 -3.39 -10.13 13.76
CA LEU A 281 -3.29 -8.70 14.11
C LEU A 281 -4.60 -7.98 14.30
N GLY A 282 -5.59 -8.29 13.45
CA GLY A 282 -6.81 -7.49 13.39
C GLY A 282 -7.59 -7.42 14.69
N PRO A 283 -7.83 -8.56 15.31
CA PRO A 283 -8.50 -8.57 16.62
C PRO A 283 -7.82 -7.67 17.66
N GLN A 284 -6.50 -7.65 17.65
CA GLN A 284 -5.70 -6.87 18.61
C GLN A 284 -5.86 -5.37 18.40
N LEU A 285 -5.84 -4.94 17.14
CA LEU A 285 -6.07 -3.54 16.79
C LEU A 285 -7.49 -3.10 17.18
N ASP A 286 -8.47 -3.99 17.02
CA ASP A 286 -9.87 -3.69 17.38
C ASP A 286 -10.00 -3.56 18.89
N MET A 287 -9.38 -4.48 19.62
CA MET A 287 -9.33 -4.38 21.09
C MET A 287 -8.66 -3.06 21.50
N LEU A 288 -7.56 -2.72 20.84
CA LEU A 288 -6.88 -1.46 21.11
C LEU A 288 -7.78 -0.27 20.81
N TRP A 289 -8.39 -0.28 19.63
CA TRP A 289 -9.32 0.76 19.21
C TRP A 289 -10.43 0.98 20.25
N SER A 290 -11.07 -0.12 20.67
CA SER A 290 -12.21 -0.07 21.62
C SER A 290 -11.81 0.40 23.00
N GLY A 291 -10.64 -0.06 23.48
CA GLY A 291 -10.09 0.38 24.77
C GLY A 291 -9.66 1.84 24.81
N SER A 292 -9.18 2.36 23.68
CA SER A 292 -8.67 3.74 23.58
C SER A 292 -9.82 4.76 23.66
#